data_5JRM
#
_entry.id   5JRM
#
_cell.length_a   105.233
_cell.length_b   35.886
_cell.length_c   48.343
_cell.angle_alpha   90.00
_cell.angle_beta   90.00
_cell.angle_gamma   90.00
#
_symmetry.space_group_name_H-M   'P 21 21 2'
#
loop_
_entity.id
_entity.type
_entity.pdbx_description
1 polymer Endo-1,4-beta-xylanase
2 non-polymer GLYCEROL
3 non-polymer 'SULFATE ION'
4 water water
#
_entity_poly.entity_id   1
_entity_poly.type   'polypeptide(L)'
_entity_poly.pdbx_seq_one_letter_code
;GAMDKRTQPTTGTSGGYYFSFWTDTPNSVTYTNGNGGQFSMQWSGNGNHVGGKGWMPGTSRTIKYSGSYNPNGNSYLAVY
GWTRNPLIEYYIVENFGTYNPSSGGQKKGEVNVDGSVYDIYVSTRVNAPSIDGNKTFQQYWSVRRNKRSSGSVNTGAHFQ
AWKNVGLNLGTHDYQILAVEGYYSSGSASMTVSQ
;
_entity_poly.pdbx_strand_id   A
#
# COMPACT_ATOMS: atom_id res chain seq x y z
N ARG A 6 -18.31 -0.49 8.60
CA ARG A 6 -19.44 -0.81 7.72
C ARG A 6 -19.00 -1.69 6.56
N THR A 7 -17.95 -1.26 5.88
CA THR A 7 -17.48 -1.92 4.67
C THR A 7 -16.27 -2.81 4.97
N GLN A 8 -16.50 -4.12 4.98
CA GLN A 8 -15.41 -5.07 5.18
C GLN A 8 -14.65 -5.27 3.88
N PRO A 9 -13.32 -5.51 3.96
CA PRO A 9 -12.63 -5.86 2.72
C PRO A 9 -12.95 -7.28 2.30
N THR A 10 -13.10 -7.52 1.00
CA THR A 10 -13.16 -8.86 0.47
C THR A 10 -11.78 -9.46 0.53
N THR A 11 -11.62 -10.56 1.25
CA THR A 11 -10.30 -11.18 1.39
C THR A 11 -10.37 -12.65 1.04
N GLY A 12 -9.22 -13.22 0.78
CA GLY A 12 -9.15 -14.63 0.45
C GLY A 12 -7.79 -14.98 -0.12
N THR A 13 -7.79 -16.02 -0.94
CA THR A 13 -6.58 -16.52 -1.55
C THR A 13 -6.73 -16.57 -3.04
N SER A 14 -5.63 -16.33 -3.74
CA SER A 14 -5.60 -16.43 -5.19
C SER A 14 -4.17 -16.60 -5.67
N GLY A 15 -3.95 -17.64 -6.47
CA GLY A 15 -2.68 -17.84 -7.12
C GLY A 15 -1.54 -18.08 -6.16
N GLY A 16 -1.88 -18.52 -4.95
CA GLY A 16 -0.88 -18.77 -3.93
C GLY A 16 -0.54 -17.54 -3.12
N TYR A 17 -1.38 -16.52 -3.21
CA TYR A 17 -1.21 -15.30 -2.44
C TYR A 17 -2.46 -14.98 -1.68
N TYR A 18 -2.29 -14.33 -0.54
CA TYR A 18 -3.40 -13.65 0.12
C TYR A 18 -3.81 -12.46 -0.75
N PHE A 19 -5.10 -12.13 -0.75
CA PHE A 19 -5.53 -10.88 -1.37
C PHE A 19 -6.57 -10.19 -0.53
N SER A 20 -6.66 -8.89 -0.71
CA SER A 20 -7.62 -8.08 0.00
C SER A 20 -8.09 -7.02 -0.98
N PHE A 21 -9.41 -6.86 -1.07
CA PHE A 21 -9.95 -5.80 -1.89
C PHE A 21 -11.05 -5.08 -1.12
N TRP A 22 -10.91 -3.78 -1.02
CA TRP A 22 -11.85 -2.97 -0.26
C TRP A 22 -12.30 -1.79 -1.07
N THR A 23 -13.60 -1.54 -1.06
CA THR A 23 -14.14 -0.37 -1.71
C THR A 23 -15.41 0.05 -1.00
N ASP A 24 -15.64 1.37 -0.90
CA ASP A 24 -16.89 1.86 -0.34
C ASP A 24 -17.89 2.16 -1.45
N THR A 25 -17.50 1.89 -2.69
CA THR A 25 -18.30 2.23 -3.87
C THR A 25 -18.06 1.20 -4.97
N PRO A 26 -18.63 -0.01 -4.81
CA PRO A 26 -18.26 -1.11 -5.69
C PRO A 26 -18.50 -0.87 -7.19
N ASN A 27 -19.51 -0.10 -7.54
CA ASN A 27 -19.83 0.10 -8.94
C ASN A 27 -18.80 0.95 -9.67
N SER A 28 -17.88 1.56 -8.91
CA SER A 28 -16.87 2.43 -9.50
C SER A 28 -15.59 1.72 -9.80
N VAL A 29 -15.52 0.45 -9.44
CA VAL A 29 -14.24 -0.24 -9.52
C VAL A 29 -14.41 -1.69 -9.90
N THR A 30 -13.46 -2.16 -10.70
CA THR A 30 -13.35 -3.55 -11.06
C THR A 30 -12.02 -4.10 -10.58
N TYR A 31 -12.08 -4.98 -9.59
CA TYR A 31 -10.90 -5.69 -9.10
C TYR A 31 -10.92 -7.13 -9.58
N THR A 32 -9.80 -7.61 -10.10
CA THR A 32 -9.73 -8.97 -10.61
C THR A 32 -8.47 -9.67 -10.14
N ASN A 33 -8.64 -10.89 -9.64
CA ASN A 33 -7.53 -11.78 -9.35
C ASN A 33 -7.21 -12.61 -10.58
N GLY A 34 -5.94 -12.60 -10.96
CA GLY A 34 -5.45 -13.45 -12.02
C GLY A 34 -4.63 -14.58 -11.43
N ASN A 35 -3.86 -15.24 -12.29
CA ASN A 35 -3.06 -16.38 -11.86
C ASN A 35 -1.83 -15.91 -11.10
N GLY A 36 -1.29 -16.79 -10.26
CA GLY A 36 -0.12 -16.48 -9.47
C GLY A 36 -0.33 -15.19 -8.68
N GLY A 37 0.64 -14.29 -8.76
CA GLY A 37 0.58 -13.06 -7.99
C GLY A 37 -0.06 -11.92 -8.75
N GLN A 38 -0.81 -12.24 -9.80
CA GLN A 38 -1.36 -11.21 -10.69
C GLN A 38 -2.68 -10.70 -10.17
N PHE A 39 -2.85 -9.38 -10.26
CA PHE A 39 -4.15 -8.79 -10.01
C PHE A 39 -4.25 -7.51 -10.79
N SER A 40 -5.47 -7.09 -11.05
CA SER A 40 -5.73 -5.88 -11.80
CA SER A 40 -5.72 -5.87 -11.79
C SER A 40 -6.80 -5.06 -11.09
N MET A 41 -6.74 -3.76 -11.25
CA MET A 41 -7.78 -2.90 -10.71
C MET A 41 -7.97 -1.74 -11.67
N GLN A 42 -9.22 -1.43 -11.93
CA GLN A 42 -9.61 -0.32 -12.77
C GLN A 42 -10.69 0.44 -12.01
N TRP A 43 -10.55 1.75 -11.90
CA TRP A 43 -11.54 2.52 -11.17
C TRP A 43 -11.71 3.89 -11.81
N SER A 44 -12.83 4.51 -11.49
N SER A 44 -12.86 4.49 -11.56
CA SER A 44 -13.11 5.85 -11.99
CA SER A 44 -13.08 5.87 -11.97
C SER A 44 -14.22 6.48 -11.15
C SER A 44 -14.22 6.48 -11.17
N GLY A 45 -14.34 7.79 -11.25
CA GLY A 45 -15.41 8.49 -10.56
C GLY A 45 -15.28 8.34 -9.06
N ASN A 46 -16.42 8.12 -8.42
CA ASN A 46 -16.53 8.21 -6.98
C ASN A 46 -15.98 7.02 -6.23
N GLY A 47 -15.43 7.30 -5.06
CA GLY A 47 -15.20 6.27 -4.08
C GLY A 47 -13.75 6.01 -3.79
N ASN A 48 -13.55 5.21 -2.76
CA ASN A 48 -12.26 4.88 -2.19
C ASN A 48 -12.05 3.39 -2.37
N HIS A 49 -11.00 3.02 -3.09
CA HIS A 49 -10.75 1.64 -3.49
C HIS A 49 -9.32 1.25 -3.19
N VAL A 50 -9.13 0.09 -2.59
CA VAL A 50 -7.81 -0.43 -2.30
CA VAL A 50 -7.80 -0.42 -2.30
C VAL A 50 -7.77 -1.93 -2.47
N GLY A 51 -6.83 -2.44 -3.25
CA GLY A 51 -6.76 -3.86 -3.43
C GLY A 51 -5.40 -4.36 -3.82
N GLY A 52 -5.16 -5.64 -3.57
CA GLY A 52 -3.92 -6.23 -3.98
C GLY A 52 -3.65 -7.58 -3.35
N LYS A 53 -2.49 -8.12 -3.70
CA LYS A 53 -2.08 -9.45 -3.30
C LYS A 53 -0.84 -9.41 -2.46
N GLY A 54 -0.71 -10.37 -1.57
CA GLY A 54 0.52 -10.52 -0.81
C GLY A 54 0.48 -11.67 0.16
N TRP A 55 0.72 -11.33 1.42
CA TRP A 55 0.99 -12.30 2.47
C TRP A 55 0.20 -12.01 3.72
N MET A 56 -0.34 -13.07 4.33
CA MET A 56 -0.96 -12.98 5.64
C MET A 56 -0.31 -14.01 6.56
N PRO A 57 0.46 -13.56 7.56
CA PRO A 57 0.89 -12.21 7.91
C PRO A 57 2.07 -11.76 7.07
N GLY A 58 2.36 -10.46 7.14
CA GLY A 58 3.55 -9.93 6.52
C GLY A 58 4.80 -10.20 7.35
N THR A 59 5.95 -9.99 6.72
N THR A 59 5.96 -9.99 6.76
CA THR A 59 7.25 -10.18 7.34
CA THR A 59 7.21 -10.03 7.50
C THR A 59 8.21 -9.09 6.84
C THR A 59 8.21 -9.16 6.75
N SER A 60 9.50 -9.28 7.09
CA SER A 60 10.53 -8.39 6.57
CA SER A 60 10.52 -8.40 6.56
C SER A 60 11.04 -8.88 5.20
N ARG A 61 10.21 -9.60 4.48
CA ARG A 61 10.57 -10.17 3.19
C ARG A 61 10.91 -9.17 2.09
N THR A 62 11.66 -9.62 1.10
CA THR A 62 11.83 -8.87 -0.13
C THR A 62 10.66 -9.17 -1.05
N ILE A 63 10.01 -8.12 -1.54
CA ILE A 63 8.85 -8.26 -2.40
C ILE A 63 9.24 -7.79 -3.80
N LYS A 64 9.09 -8.67 -4.77
CA LYS A 64 9.30 -8.30 -6.16
C LYS A 64 7.96 -8.05 -6.82
N TYR A 65 7.90 -7.03 -7.67
CA TYR A 65 6.68 -6.78 -8.41
C TYR A 65 6.96 -6.19 -9.78
N SER A 66 5.97 -6.30 -10.65
CA SER A 66 6.06 -5.64 -11.94
C SER A 66 4.68 -5.50 -12.51
N GLY A 67 4.58 -4.65 -13.53
CA GLY A 67 3.32 -4.49 -14.23
C GLY A 67 3.11 -3.06 -14.64
N SER A 68 1.85 -2.69 -14.82
CA SER A 68 1.47 -1.39 -15.34
C SER A 68 0.63 -0.69 -14.30
N TYR A 69 1.03 0.52 -13.95
CA TYR A 69 0.27 1.29 -12.98
C TYR A 69 0.07 2.67 -13.56
N ASN A 70 -1.20 3.03 -13.75
CA ASN A 70 -1.56 4.28 -14.40
C ASN A 70 -2.61 5.03 -13.62
N PRO A 71 -2.18 5.97 -12.78
CA PRO A 71 -3.09 6.82 -12.00
C PRO A 71 -3.50 8.08 -12.75
N ASN A 72 -4.77 8.44 -12.61
CA ASN A 72 -5.31 9.68 -13.16
C ASN A 72 -5.98 10.42 -12.01
N GLY A 73 -5.16 10.97 -11.11
CA GLY A 73 -5.66 11.55 -9.87
C GLY A 73 -5.12 10.88 -8.61
N ASN A 74 -5.81 11.09 -7.50
CA ASN A 74 -5.47 10.53 -6.20
C ASN A 74 -5.32 9.03 -6.23
N SER A 75 -4.10 8.55 -6.09
CA SER A 75 -3.85 7.14 -6.22
C SER A 75 -2.45 6.80 -5.74
N TYR A 76 -2.24 5.58 -5.28
CA TYR A 76 -0.88 5.14 -5.00
C TYR A 76 -0.69 3.67 -5.31
N LEU A 77 0.58 3.31 -5.50
CA LEU A 77 1.02 1.94 -5.62
C LEU A 77 1.99 1.73 -4.47
N ALA A 78 1.71 0.78 -3.59
CA ALA A 78 2.51 0.66 -2.39
C ALA A 78 2.51 -0.74 -1.84
N VAL A 79 3.61 -1.11 -1.19
CA VAL A 79 3.53 -2.21 -0.26
C VAL A 79 2.80 -1.63 0.95
N TYR A 80 1.76 -2.35 1.37
CA TYR A 80 0.76 -1.83 2.26
C TYR A 80 0.47 -2.88 3.30
N GLY A 81 0.53 -2.51 4.56
CA GLY A 81 0.24 -3.49 5.58
C GLY A 81 -0.13 -2.86 6.90
N TRP A 82 -0.43 -3.74 7.83
CA TRP A 82 -0.80 -3.32 9.17
C TRP A 82 -0.01 -4.10 10.19
N THR A 83 0.17 -3.49 11.35
CA THR A 83 0.58 -4.20 12.54
C THR A 83 -0.40 -3.90 13.65
N ARG A 84 -0.30 -4.68 14.72
CA ARG A 84 -1.11 -4.52 15.92
C ARG A 84 -0.19 -4.42 17.13
N ASN A 85 -0.63 -3.76 18.20
CA ASN A 85 0.14 -3.73 19.43
C ASN A 85 1.55 -3.22 19.24
N PRO A 86 1.71 -2.00 18.70
CA PRO A 86 0.65 -1.02 18.41
C PRO A 86 0.01 -1.14 17.03
N LEU A 87 -1.19 -0.56 16.92
CA LEU A 87 -1.92 -0.45 15.67
C LEU A 87 -1.27 0.56 14.75
N ILE A 88 -0.72 0.04 13.65
CA ILE A 88 0.02 0.81 12.65
C ILE A 88 -0.41 0.41 11.25
N GLU A 89 -0.76 1.39 10.43
CA GLU A 89 -0.99 1.21 9.00
C GLU A 89 0.28 1.68 8.31
N TYR A 90 0.94 0.83 7.54
CA TYR A 90 2.17 1.28 6.92
C TYR A 90 2.15 1.17 5.40
N TYR A 91 2.98 2.01 4.80
CA TYR A 91 3.04 2.17 3.36
C TYR A 91 4.45 2.30 2.89
N ILE A 92 4.83 1.48 1.94
CA ILE A 92 6.06 1.70 1.21
C ILE A 92 5.63 2.08 -0.20
N VAL A 93 5.54 3.39 -0.43
CA VAL A 93 4.93 3.94 -1.62
C VAL A 93 5.94 3.98 -2.77
N GLU A 94 5.58 3.29 -3.85
CA GLU A 94 6.46 3.09 -4.98
C GLU A 94 6.14 4.06 -6.09
N ASN A 95 4.88 4.47 -6.13
CA ASN A 95 4.39 5.29 -7.22
C ASN A 95 3.09 5.91 -6.75
N PHE A 96 2.73 7.04 -7.33
CA PHE A 96 1.48 7.69 -7.00
C PHE A 96 1.21 8.75 -8.06
N GLY A 97 0.01 9.34 -7.99
N GLY A 97 0.01 9.33 -8.03
CA GLY A 97 -0.47 10.23 -9.02
CA GLY A 97 -0.33 10.40 -8.96
C GLY A 97 -0.33 11.71 -8.71
C GLY A 97 0.41 11.67 -8.58
N THR A 98 -1.46 12.42 -8.68
N THR A 98 -0.22 12.80 -8.88
CA THR A 98 -1.46 13.88 -8.69
CA THR A 98 0.35 14.08 -8.47
C THR A 98 -1.41 14.46 -7.28
C THR A 98 0.25 14.23 -6.96
N TYR A 99 -0.83 13.70 -6.37
CA TYR A 99 -1.04 13.91 -4.95
C TYR A 99 -0.27 12.90 -4.13
N ASN A 100 0.66 13.40 -3.34
CA ASN A 100 1.48 12.60 -2.45
C ASN A 100 0.66 12.11 -1.26
N PRO A 101 0.48 10.78 -1.14
CA PRO A 101 -0.40 10.32 -0.06
C PRO A 101 0.16 10.59 1.34
N SER A 102 1.45 10.86 1.44
CA SER A 102 2.07 11.10 2.74
C SER A 102 1.90 12.56 3.17
N SER A 103 1.17 13.34 2.37
CA SER A 103 1.02 14.76 2.63
CA SER A 103 0.97 14.76 2.64
C SER A 103 0.53 14.98 4.08
N GLY A 104 1.16 15.95 4.73
CA GLY A 104 0.82 16.27 6.10
C GLY A 104 1.41 15.33 7.13
N GLY A 105 2.14 14.34 6.66
CA GLY A 105 2.90 13.47 7.55
C GLY A 105 4.06 14.28 8.10
N GLN A 106 4.51 13.91 9.29
CA GLN A 106 5.66 14.53 9.91
C GLN A 106 6.89 13.76 9.46
N LYS A 107 7.80 14.45 8.80
CA LYS A 107 8.99 13.80 8.24
C LYS A 107 9.96 13.41 9.33
N LYS A 108 10.38 12.15 9.30
CA LYS A 108 11.22 11.58 10.34
C LYS A 108 12.61 11.25 9.84
N GLY A 109 12.79 11.14 8.53
CA GLY A 109 14.12 10.93 7.99
C GLY A 109 14.07 10.49 6.54
N GLU A 110 15.14 9.83 6.10
CA GLU A 110 15.23 9.31 4.75
C GLU A 110 15.95 7.97 4.76
N VAL A 111 15.66 7.12 3.76
CA VAL A 111 16.37 5.87 3.64
C VAL A 111 16.67 5.59 2.17
N ASN A 112 17.91 5.20 1.92
CA ASN A 112 18.34 4.84 0.59
C ASN A 112 18.26 3.34 0.44
N VAL A 113 17.38 2.88 -0.43
CA VAL A 113 17.26 1.46 -0.64
C VAL A 113 16.61 1.21 -1.97
N ASP A 114 17.01 0.10 -2.59
CA ASP A 114 16.42 -0.36 -3.84
C ASP A 114 16.46 0.72 -4.91
N GLY A 115 17.55 1.48 -4.97
CA GLY A 115 17.78 2.34 -6.10
C GLY A 115 17.12 3.69 -6.02
N SER A 116 16.58 4.05 -4.86
CA SER A 116 16.06 5.39 -4.68
C SER A 116 16.13 5.79 -3.22
N VAL A 117 15.97 7.07 -2.96
CA VAL A 117 15.79 7.54 -1.60
C VAL A 117 14.28 7.53 -1.31
N TYR A 118 13.94 7.13 -0.10
CA TYR A 118 12.57 7.17 0.40
C TYR A 118 12.49 8.17 1.52
N ASP A 119 11.50 9.06 1.45
CA ASP A 119 11.22 9.97 2.53
C ASP A 119 10.33 9.26 3.54
N ILE A 120 10.66 9.41 4.82
CA ILE A 120 9.97 8.71 5.89
C ILE A 120 9.07 9.69 6.66
N TYR A 121 7.79 9.36 6.78
CA TYR A 121 6.83 10.19 7.52
C TYR A 121 5.99 9.38 8.49
N VAL A 122 5.48 10.05 9.52
CA VAL A 122 4.46 9.45 10.37
C VAL A 122 3.27 10.40 10.45
N SER A 123 2.06 9.84 10.41
CA SER A 123 0.86 10.63 10.64
C SER A 123 -0.04 9.88 11.58
N THR A 124 -0.92 10.61 12.24
CA THR A 124 -1.94 10.01 13.08
C THR A 124 -3.27 10.16 12.38
N ARG A 125 -4.02 9.07 12.29
CA ARG A 125 -5.40 9.11 11.83
C ARG A 125 -6.32 8.84 13.01
N VAL A 126 -7.31 9.72 13.17
CA VAL A 126 -8.18 9.66 14.33
C VAL A 126 -9.53 9.11 13.94
N ASN A 127 -10.07 8.22 14.78
CA ASN A 127 -11.43 7.72 14.59
C ASN A 127 -11.68 7.21 13.16
N ALA A 128 -10.86 6.27 12.72
CA ALA A 128 -10.89 5.82 11.33
C ALA A 128 -10.97 4.30 11.21
N PRO A 129 -11.41 3.81 10.05
CA PRO A 129 -11.44 2.35 9.87
C PRO A 129 -10.06 1.73 9.92
N SER A 130 -9.95 0.57 10.55
CA SER A 130 -8.70 -0.15 10.69
C SER A 130 -8.94 -1.65 10.68
N ILE A 131 -7.87 -2.42 10.85
CA ILE A 131 -8.00 -3.87 10.99
C ILE A 131 -8.70 -4.24 12.29
N ASP A 132 -8.98 -3.24 13.13
CA ASP A 132 -9.68 -3.44 14.40
C ASP A 132 -10.86 -2.47 14.56
N GLY A 133 -11.55 -2.19 13.47
CA GLY A 133 -12.72 -1.33 13.51
C GLY A 133 -12.34 0.14 13.58
N ASN A 134 -13.27 0.97 14.06
CA ASN A 134 -13.02 2.40 14.13
C ASN A 134 -12.02 2.70 15.25
N LYS A 135 -10.83 3.12 14.86
CA LYS A 135 -9.76 3.34 15.82
C LYS A 135 -8.90 4.54 15.45
N THR A 136 -8.07 4.92 16.40
CA THR A 136 -7.03 5.93 16.18
C THR A 136 -5.70 5.22 16.11
N PHE A 137 -4.93 5.51 15.06
CA PHE A 137 -3.71 4.77 14.80
C PHE A 137 -2.70 5.64 14.08
N GLN A 138 -1.46 5.18 14.04
N GLN A 138 -1.46 5.17 14.04
CA GLN A 138 -0.44 5.88 13.29
CA GLN A 138 -0.41 5.83 13.30
C GLN A 138 -0.27 5.25 11.91
C GLN A 138 -0.32 5.26 11.88
N GLN A 139 0.16 6.08 10.96
CA GLN A 139 0.54 5.64 9.64
C GLN A 139 2.03 5.87 9.48
N TYR A 140 2.74 4.84 9.04
CA TYR A 140 4.16 4.97 8.71
C TYR A 140 4.27 4.99 7.20
N TRP A 141 5.05 5.93 6.69
CA TRP A 141 5.25 6.12 5.26
C TRP A 141 6.72 6.07 4.90
N SER A 142 7.04 5.29 3.89
CA SER A 142 8.28 5.44 3.13
C SER A 142 7.84 5.78 1.72
N VAL A 143 8.25 6.94 1.20
CA VAL A 143 7.75 7.40 -0.10
C VAL A 143 8.91 7.53 -1.09
N ARG A 144 8.84 6.76 -2.16
CA ARG A 144 9.91 6.71 -3.13
C ARG A 144 9.98 8.04 -3.90
N ARG A 145 11.17 8.64 -3.93
CA ARG A 145 11.37 9.87 -4.69
C ARG A 145 11.34 9.64 -6.19
N ASN A 146 11.85 8.48 -6.61
CA ASN A 146 11.83 8.12 -8.02
C ASN A 146 10.75 7.08 -8.24
N LYS A 147 9.61 7.54 -8.75
CA LYS A 147 8.45 6.69 -8.94
CA LYS A 147 8.45 6.69 -8.94
C LYS A 147 8.74 5.57 -9.94
N ARG A 148 8.22 4.38 -9.65
CA ARG A 148 8.40 3.25 -10.54
C ARG A 148 7.25 2.27 -10.42
N SER A 149 7.15 1.34 -11.37
CA SER A 149 6.03 0.41 -11.40
C SER A 149 6.50 -1.03 -11.45
N SER A 150 7.78 -1.24 -11.25
CA SER A 150 8.32 -2.59 -11.17
C SER A 150 9.60 -2.53 -10.39
N GLY A 151 9.88 -3.58 -9.65
CA GLY A 151 11.16 -3.70 -9.00
C GLY A 151 11.11 -4.59 -7.78
N SER A 152 11.99 -4.33 -6.83
N SER A 152 12.01 -4.36 -6.85
CA SER A 152 12.09 -5.12 -5.63
CA SER A 152 12.07 -5.12 -5.62
C SER A 152 12.02 -4.19 -4.42
C SER A 152 12.02 -4.19 -4.42
N VAL A 153 11.28 -4.60 -3.40
CA VAL A 153 11.16 -3.83 -2.16
C VAL A 153 11.66 -4.67 -1.01
N ASN A 154 12.74 -4.22 -0.39
CA ASN A 154 13.26 -4.86 0.79
C ASN A 154 12.52 -4.31 2.00
N THR A 155 11.42 -4.95 2.40
CA THR A 155 10.57 -4.38 3.46
C THR A 155 11.33 -4.28 4.77
N GLY A 156 12.19 -5.25 5.06
CA GLY A 156 12.99 -5.23 6.26
C GLY A 156 13.87 -3.99 6.37
N ALA A 157 14.38 -3.52 5.24
CA ALA A 157 15.22 -2.32 5.22
C ALA A 157 14.41 -1.09 5.61
N HIS A 158 13.16 -1.05 5.18
CA HIS A 158 12.28 0.02 5.59
C HIS A 158 11.92 -0.11 7.07
N PHE A 159 11.58 -1.31 7.52
CA PHE A 159 11.23 -1.51 8.94
C PHE A 159 12.38 -1.10 9.84
N GLN A 160 13.59 -1.50 9.45
CA GLN A 160 14.76 -1.14 10.22
C GLN A 160 15.00 0.37 10.20
N ALA A 161 14.81 0.99 9.04
CA ALA A 161 15.00 2.44 8.92
C ALA A 161 14.01 3.19 9.80
N TRP A 162 12.75 2.75 9.76
CA TRP A 162 11.71 3.29 10.64
C TRP A 162 12.09 3.15 12.11
N LYS A 163 12.61 1.98 12.46
CA LYS A 163 13.02 1.70 13.83
C LYS A 163 14.12 2.67 14.25
N ASN A 164 15.08 2.89 13.36
CA ASN A 164 16.19 3.80 13.65
C ASN A 164 15.75 5.24 13.91
N VAL A 165 14.55 5.61 13.45
CA VAL A 165 14.00 6.93 13.77
C VAL A 165 12.84 6.86 14.77
N GLY A 166 12.72 5.73 15.46
CA GLY A 166 11.80 5.63 16.58
C GLY A 166 10.38 5.28 16.19
N LEU A 167 10.22 4.78 14.97
CA LEU A 167 8.92 4.31 14.50
C LEU A 167 8.88 2.80 14.61
N ASN A 168 8.54 2.31 15.81
CA ASN A 168 8.56 0.88 16.06
C ASN A 168 7.27 0.24 15.58
N LEU A 169 7.40 -0.98 15.08
CA LEU A 169 6.26 -1.72 14.57
C LEU A 169 5.75 -2.71 15.60
N GLY A 170 4.48 -3.06 15.47
CA GLY A 170 3.88 -4.07 16.30
C GLY A 170 3.96 -5.42 15.59
N THR A 171 3.03 -6.31 15.91
CA THR A 171 3.02 -7.63 15.29
C THR A 171 2.30 -7.57 13.97
N HIS A 172 2.87 -8.24 12.98
CA HIS A 172 2.37 -8.11 11.62
C HIS A 172 0.99 -8.70 11.43
N ASP A 173 0.17 -7.94 10.72
CA ASP A 173 -1.04 -8.44 10.13
C ASP A 173 -0.74 -8.56 8.64
N TYR A 174 -1.70 -8.27 7.75
CA TYR A 174 -1.45 -8.57 6.33
C TYR A 174 -0.49 -7.58 5.70
N GLN A 175 0.04 -7.99 4.54
CA GLN A 175 1.04 -7.26 3.81
C GLN A 175 0.79 -7.52 2.34
N ILE A 176 0.38 -6.49 1.60
CA ILE A 176 0.05 -6.67 0.20
C ILE A 176 0.70 -5.62 -0.68
N LEU A 177 0.89 -5.96 -1.95
CA LEU A 177 1.17 -4.96 -2.95
C LEU A 177 -0.18 -4.37 -3.31
N ALA A 178 -0.39 -3.12 -2.93
CA ALA A 178 -1.71 -2.51 -3.01
C ALA A 178 -1.76 -1.44 -4.08
N VAL A 179 -2.89 -1.37 -4.76
CA VAL A 179 -3.18 -0.28 -5.67
C VAL A 179 -4.38 0.41 -5.07
N GLU A 180 -4.29 1.72 -4.95
CA GLU A 180 -5.31 2.51 -4.29
C GLU A 180 -5.75 3.62 -5.20
N GLY A 181 -7.05 3.93 -5.17
CA GLY A 181 -7.60 5.07 -5.85
C GLY A 181 -8.60 5.73 -4.92
N TYR A 182 -8.61 7.06 -4.94
CA TYR A 182 -9.53 7.85 -4.12
C TYR A 182 -10.11 8.99 -4.94
N TYR A 183 -11.40 8.89 -5.27
CA TYR A 183 -12.09 9.90 -6.09
C TYR A 183 -11.21 10.36 -7.25
N SER A 184 -10.83 9.36 -8.02
CA SER A 184 -9.93 9.53 -9.13
C SER A 184 -10.25 8.47 -10.14
N SER A 185 -9.43 8.38 -11.18
N SER A 185 -9.44 8.39 -11.19
CA SER A 185 -9.51 7.28 -12.13
CA SER A 185 -9.53 7.28 -12.13
C SER A 185 -8.13 6.67 -12.21
C SER A 185 -8.14 6.70 -12.30
N GLY A 186 -8.08 5.43 -12.65
CA GLY A 186 -6.81 4.78 -12.87
C GLY A 186 -6.99 3.33 -13.20
N SER A 187 -5.87 2.70 -13.47
CA SER A 187 -5.89 1.28 -13.72
C SER A 187 -4.54 0.72 -13.43
N ALA A 188 -4.51 -0.56 -13.12
CA ALA A 188 -3.26 -1.23 -12.93
C ALA A 188 -3.43 -2.70 -13.23
N SER A 189 -2.32 -3.29 -13.60
CA SER A 189 -2.19 -4.74 -13.78
CA SER A 189 -2.20 -4.73 -13.78
C SER A 189 -0.84 -5.11 -13.20
N MET A 190 -0.85 -5.68 -12.01
CA MET A 190 0.38 -5.90 -11.26
C MET A 190 0.57 -7.38 -10.95
N THR A 191 1.82 -7.78 -10.79
CA THR A 191 2.15 -9.14 -10.41
C THR A 191 3.12 -9.08 -9.26
N VAL A 192 2.78 -9.72 -8.15
CA VAL A 192 3.66 -9.78 -7.01
C VAL A 192 4.38 -11.14 -6.98
N SER A 193 5.57 -11.14 -6.38
CA SER A 193 6.31 -12.36 -6.14
C SER A 193 7.39 -12.10 -5.10
N GLN A 194 8.19 -13.12 -4.81
CA GLN A 194 9.26 -13.00 -3.84
C GLN A 194 10.59 -13.45 -4.44
#